data_6ZX7
#
_entry.id   6ZX7
#
_entity_poly.entity_id   1
_entity_poly.type   'polydeoxyribonucleotide'
_entity_poly.pdbx_seq_one_letter_code
;(DC)(DG)(DG)(DG)(DC)(DG)(DC)(DG)(DG)(DG)(DA)(DG)(DG)(DA)(DA)(DG)(DG)(DG)(DG)(DG)
(DC)(DG)(DG)(DG)(DA)
;
_entity_poly.pdbx_strand_id   A
#